data_1HDQ
#
_entry.id   1HDQ
#
_cell.length_a   51.961
_cell.length_b   60.465
_cell.length_c   47.792
_cell.angle_alpha   90.00
_cell.angle_beta   97.59
_cell.angle_gamma   90.00
#
_symmetry.space_group_name_H-M   'P 1 21 1'
#
loop_
_entity.id
_entity.type
_entity.pdbx_description
1 polymer 'CARBOXYPEPTIDASE A'
2 non-polymer D-[(N-HYDROXYAMINO)CARBONYL]PHENYLALANINE
3 non-polymer 'ZINC ION'
4 water water
#
_entity_poly.entity_id   1
_entity_poly.type   'polypeptide(L)'
_entity_poly.pdbx_seq_one_letter_code
;ARSTNTFNYATYHTLDEIYDFMDLLVAEHPQLVSKLQIGRSYEGRPIYVLKFSTGGSNRPAIWIDLGIHSREWITQATGV
WFAKKFTEDYGQDPSFTAILDSMDIFLEIVTNPDGFAFTHSQNRLWRKTRSVTSSSLCVGVDANRNWDAGFGKAGASSSP
CSETYHGKYANSEVEVKSIVDFVKDHGNFKAFLSIHSYSQLLLYPYGYTTQSIPDKTELNQVAKSAVEALKSLYGTSYKY
GSIITTIYQASGGSIDWSYNQGIKYSFTFELRDTGRYGFLLPASQIIPTAQETWLGVLTIMEHTLNN
;
_entity_poly.pdbx_strand_id   A
#
loop_
_chem_comp.id
_chem_comp.type
_chem_comp.name
_chem_comp.formula
INF non-polymer D-[(N-HYDROXYAMINO)CARBONYL]PHENYLALANINE 'C10 H12 N2 O4'
ZN non-polymer 'ZINC ION' 'Zn 2'
#
# COMPACT_ATOMS: atom_id res chain seq x y z
N ALA A 1 -17.64 -18.27 0.60
CA ALA A 1 -16.31 -18.95 0.48
C ALA A 1 -15.97 -19.68 1.77
N ARG A 2 -15.72 -20.99 1.66
CA ARG A 2 -15.40 -21.82 2.82
C ARG A 2 -13.90 -22.18 2.85
N SER A 3 -13.18 -21.74 1.85
CA SER A 3 -11.75 -22.00 1.74
C SER A 3 -11.18 -20.91 0.84
N THR A 4 -9.92 -20.55 1.04
CA THR A 4 -9.32 -19.51 0.19
C THR A 4 -9.28 -20.03 -1.24
N ASN A 5 -9.56 -21.32 -1.42
CA ASN A 5 -9.55 -21.91 -2.74
C ASN A 5 -10.88 -21.73 -3.47
N THR A 6 -11.94 -21.36 -2.73
CA THR A 6 -13.25 -21.15 -3.35
C THR A 6 -13.58 -19.66 -3.43
N PHE A 7 -12.69 -18.84 -2.89
CA PHE A 7 -12.85 -17.39 -2.87
C PHE A 7 -12.73 -16.90 -4.33
N ASN A 8 -13.57 -15.92 -4.69
CA ASN A 8 -13.53 -15.38 -6.05
C ASN A 8 -12.59 -14.18 -6.14
N TYR A 9 -11.39 -14.41 -6.66
CA TYR A 9 -10.39 -13.36 -6.80
C TYR A 9 -10.67 -12.45 -8.00
N ALA A 10 -11.60 -12.85 -8.85
CA ALA A 10 -11.94 -12.08 -10.04
C ALA A 10 -13.12 -11.12 -9.87
N THR A 11 -13.45 -10.78 -8.63
CA THR A 11 -14.55 -9.86 -8.37
C THR A 11 -14.21 -8.96 -7.18
N TYR A 12 -14.94 -7.86 -7.03
CA TYR A 12 -14.71 -6.93 -5.92
C TYR A 12 -15.47 -7.37 -4.69
N HIS A 13 -14.85 -7.21 -3.52
CA HIS A 13 -15.46 -7.63 -2.27
C HIS A 13 -15.74 -6.52 -1.26
N THR A 14 -16.50 -6.86 -0.23
CA THR A 14 -16.85 -5.93 0.84
C THR A 14 -15.83 -6.07 1.97
N LEU A 15 -15.93 -5.22 2.98
CA LEU A 15 -15.00 -5.27 4.10
C LEU A 15 -15.12 -6.58 4.88
N ASP A 16 -16.34 -7.04 5.13
CA ASP A 16 -16.56 -8.28 5.87
C ASP A 16 -15.98 -9.49 5.14
N GLU A 17 -16.14 -9.54 3.83
CA GLU A 17 -15.63 -10.65 3.05
C GLU A 17 -14.09 -10.68 3.08
N ILE A 18 -13.47 -9.51 3.02
CA ILE A 18 -12.01 -9.43 3.06
C ILE A 18 -11.49 -9.85 4.44
N TYR A 19 -12.17 -9.40 5.49
CA TYR A 19 -11.77 -9.75 6.85
C TYR A 19 -11.96 -11.25 7.11
N ASP A 20 -13.04 -11.83 6.60
CA ASP A 20 -13.26 -13.27 6.79
C ASP A 20 -12.16 -14.02 6.05
N PHE A 21 -11.78 -13.51 4.89
CA PHE A 21 -10.73 -14.13 4.08
C PHE A 21 -9.42 -14.22 4.86
N MET A 22 -9.12 -13.19 5.64
CA MET A 22 -7.90 -13.18 6.43
C MET A 22 -7.84 -14.34 7.42
N ASP A 23 -8.93 -14.58 8.13
CA ASP A 23 -8.95 -15.65 9.12
C ASP A 23 -8.86 -17.03 8.47
N LEU A 24 -9.41 -17.17 7.28
CA LEU A 24 -9.36 -18.45 6.58
C LEU A 24 -7.90 -18.73 6.19
N LEU A 25 -7.22 -17.71 5.67
CA LEU A 25 -5.82 -17.85 5.26
C LEU A 25 -4.93 -18.22 6.45
N VAL A 26 -5.16 -17.59 7.60
CA VAL A 26 -4.38 -17.86 8.79
C VAL A 26 -4.66 -19.27 9.31
N ALA A 27 -5.91 -19.71 9.18
CA ALA A 27 -6.29 -21.05 9.63
C ALA A 27 -5.73 -22.13 8.72
N GLU A 28 -5.53 -21.78 7.44
CA GLU A 28 -5.00 -22.73 6.46
C GLU A 28 -3.47 -22.82 6.44
N HIS A 29 -2.79 -21.76 6.85
CA HIS A 29 -1.33 -21.73 6.85
C HIS A 29 -0.83 -21.12 8.16
N PRO A 30 -1.23 -21.71 9.29
CA PRO A 30 -0.83 -21.24 10.63
C PRO A 30 0.67 -21.11 10.87
N GLN A 31 1.45 -21.92 10.17
CA GLN A 31 2.89 -21.89 10.34
C GLN A 31 3.56 -20.78 9.54
N LEU A 32 2.80 -20.15 8.65
CA LEU A 32 3.37 -19.11 7.80
C LEU A 32 2.75 -17.71 7.96
N VAL A 33 1.44 -17.65 8.20
CA VAL A 33 0.76 -16.38 8.34
C VAL A 33 0.10 -16.16 9.70
N SER A 34 0.11 -14.92 10.15
CA SER A 34 -0.51 -14.54 11.42
C SER A 34 -1.15 -13.17 11.26
N LYS A 35 -2.31 -12.97 11.89
CA LYS A 35 -3.02 -11.70 11.79
C LYS A 35 -2.79 -10.82 13.01
N LEU A 36 -2.30 -9.61 12.79
CA LEU A 36 -2.06 -8.67 13.89
C LEU A 36 -2.99 -7.47 13.81
N GLN A 37 -3.39 -6.95 14.96
CA GLN A 37 -4.23 -5.76 15.01
C GLN A 37 -3.35 -4.63 15.53
N ILE A 38 -3.11 -3.62 14.69
CA ILE A 38 -2.26 -2.51 15.05
C ILE A 38 -3.02 -1.27 15.54
N GLY A 39 -4.35 -1.37 15.59
CA GLY A 39 -5.16 -0.25 16.04
C GLY A 39 -6.62 -0.35 15.64
N ARG A 40 -7.36 0.73 15.83
CA ARG A 40 -8.77 0.78 15.47
C ARG A 40 -9.00 2.08 14.70
N SER A 41 -9.87 2.03 13.70
CA SER A 41 -10.17 3.20 12.90
C SER A 41 -10.99 4.21 13.70
N TYR A 42 -11.22 5.37 13.10
CA TYR A 42 -11.99 6.42 13.76
C TYR A 42 -13.37 5.89 14.16
N GLU A 43 -13.99 5.11 13.29
CA GLU A 43 -15.31 4.57 13.57
C GLU A 43 -15.27 3.23 14.30
N GLY A 44 -14.13 2.91 14.93
CA GLY A 44 -14.01 1.69 15.70
C GLY A 44 -13.70 0.37 15.00
N ARG A 45 -13.51 0.38 13.68
CA ARG A 45 -13.20 -0.85 12.96
C ARG A 45 -11.76 -1.27 13.21
N PRO A 46 -11.52 -2.58 13.39
CA PRO A 46 -10.15 -3.03 13.63
C PRO A 46 -9.27 -2.84 12.40
N ILE A 47 -8.01 -2.53 12.64
CA ILE A 47 -7.03 -2.34 11.56
C ILE A 47 -6.09 -3.54 11.59
N TYR A 48 -6.21 -4.41 10.59
CA TYR A 48 -5.40 -5.61 10.52
C TYR A 48 -4.20 -5.59 9.56
N VAL A 49 -3.16 -6.30 9.96
CA VAL A 49 -1.95 -6.44 9.17
C VAL A 49 -1.62 -7.93 9.15
N LEU A 50 -1.33 -8.47 7.96
CA LEU A 50 -0.97 -9.88 7.86
C LEU A 50 0.55 -10.01 7.85
N LYS A 51 1.07 -10.90 8.68
CA LYS A 51 2.51 -11.10 8.75
C LYS A 51 2.91 -12.47 8.20
N PHE A 52 3.76 -12.46 7.18
CA PHE A 52 4.24 -13.69 6.58
C PHE A 52 5.67 -13.88 7.07
N SER A 53 5.92 -15.01 7.73
CA SER A 53 7.25 -15.30 8.27
C SER A 53 7.51 -16.80 8.41
N THR A 54 8.78 -17.19 8.24
CA THR A 54 9.17 -18.58 8.37
C THR A 54 9.99 -18.76 9.66
N GLY A 55 9.96 -17.75 10.52
CA GLY A 55 10.69 -17.83 11.78
C GLY A 55 11.59 -16.66 12.09
N GLY A 56 12.55 -16.89 12.98
CA GLY A 56 13.49 -15.85 13.36
C GLY A 56 12.91 -14.87 14.36
N SER A 57 13.72 -13.89 14.74
CA SER A 57 13.29 -12.87 15.68
C SER A 57 13.62 -11.50 15.12
N ASN A 58 12.59 -10.74 14.77
CA ASN A 58 12.74 -9.40 14.23
C ASN A 58 13.66 -9.38 13.01
N ARG A 59 13.37 -10.23 12.02
CA ARG A 59 14.15 -10.29 10.79
C ARG A 59 13.90 -9.04 9.96
N PRO A 60 14.82 -8.72 9.04
CA PRO A 60 14.60 -7.53 8.20
C PRO A 60 13.22 -7.68 7.58
N ALA A 61 12.45 -6.61 7.52
CA ALA A 61 11.10 -6.71 6.99
C ALA A 61 10.75 -5.80 5.82
N ILE A 62 9.70 -6.21 5.11
CA ILE A 62 9.18 -5.49 3.96
C ILE A 62 7.73 -5.10 4.29
N TRP A 63 7.42 -3.81 4.14
CA TRP A 63 6.09 -3.30 4.42
C TRP A 63 5.33 -2.98 3.13
N ILE A 64 4.07 -3.39 3.07
CA ILE A 64 3.22 -3.13 1.92
C ILE A 64 1.82 -2.73 2.38
N ASP A 65 1.40 -1.52 2.02
CA ASP A 65 0.07 -1.06 2.39
C ASP A 65 -0.71 -0.74 1.12
N LEU A 66 -2.00 -1.11 1.13
CA LEU A 66 -2.87 -0.86 0.00
C LEU A 66 -4.16 -0.22 0.50
N GLY A 67 -4.85 0.47 -0.39
CA GLY A 67 -6.11 1.09 -0.03
C GLY A 67 -6.14 2.29 0.89
N ILE A 68 -5.05 3.03 1.03
CA ILE A 68 -5.07 4.20 1.90
C ILE A 68 -6.10 5.19 1.36
N HIS A 69 -6.31 5.17 0.04
CA HIS A 69 -7.31 6.00 -0.63
C HIS A 69 -8.39 4.99 -0.98
N SER A 70 -9.47 5.01 -0.18
CA SER A 70 -10.57 4.06 -0.31
C SER A 70 -11.21 3.76 -1.68
N ARG A 71 -11.33 4.75 -2.54
CA ARG A 71 -11.95 4.53 -3.85
C ARG A 71 -11.11 3.73 -4.84
N GLU A 72 -9.85 3.53 -4.52
CA GLU A 72 -8.93 2.79 -5.38
C GLU A 72 -9.04 1.27 -5.20
N TRP A 73 -10.24 0.76 -5.44
CA TRP A 73 -10.61 -0.65 -5.29
C TRP A 73 -9.66 -1.68 -5.89
N ILE A 74 -8.93 -1.32 -6.94
CA ILE A 74 -8.02 -2.28 -7.54
C ILE A 74 -6.89 -2.65 -6.57
N THR A 75 -6.56 -1.77 -5.63
CA THR A 75 -5.50 -2.05 -4.68
C THR A 75 -5.90 -3.10 -3.63
N GLN A 76 -7.08 -2.95 -3.00
CA GLN A 76 -7.50 -3.94 -2.01
C GLN A 76 -7.68 -5.29 -2.68
N ALA A 77 -8.16 -5.29 -3.93
CA ALA A 77 -8.38 -6.53 -4.67
C ALA A 77 -7.02 -7.19 -4.93
N THR A 78 -6.02 -6.37 -5.24
CA THR A 78 -4.67 -6.86 -5.51
C THR A 78 -4.03 -7.40 -4.22
N GLY A 79 -4.36 -6.77 -3.09
CA GLY A 79 -3.82 -7.19 -1.81
C GLY A 79 -4.27 -8.56 -1.40
N VAL A 80 -5.54 -8.88 -1.66
CA VAL A 80 -6.08 -10.20 -1.33
C VAL A 80 -5.36 -11.25 -2.18
N TRP A 81 -5.20 -10.96 -3.47
CA TRP A 81 -4.54 -11.87 -4.39
C TRP A 81 -3.10 -12.10 -3.92
N PHE A 82 -2.43 -11.03 -3.52
CA PHE A 82 -1.05 -11.09 -3.03
C PHE A 82 -0.93 -12.07 -1.85
N ALA A 83 -1.79 -11.89 -0.85
CA ALA A 83 -1.79 -12.74 0.34
C ALA A 83 -1.87 -14.23 -0.01
N LYS A 84 -2.76 -14.56 -0.95
CA LYS A 84 -2.91 -15.94 -1.39
C LYS A 84 -1.66 -16.40 -2.12
N LYS A 85 -1.17 -15.54 -3.03
CA LYS A 85 0.01 -15.83 -3.81
C LYS A 85 1.22 -16.19 -2.94
N PHE A 86 1.41 -15.47 -1.84
CA PHE A 86 2.54 -15.75 -0.95
C PHE A 86 2.50 -17.18 -0.43
N THR A 87 1.32 -17.64 -0.02
CA THR A 87 1.20 -19.00 0.53
C THR A 87 1.39 -20.07 -0.54
N GLU A 88 1.07 -19.76 -1.79
CA GLU A 88 1.21 -20.75 -2.86
C GLU A 88 2.61 -20.83 -3.45
N ASP A 89 3.30 -19.70 -3.54
CA ASP A 89 4.64 -19.67 -4.12
C ASP A 89 5.80 -20.07 -3.22
N TYR A 90 5.59 -20.02 -1.90
CA TYR A 90 6.65 -20.39 -0.98
C TYR A 90 6.93 -21.89 -1.12
N GLY A 91 8.16 -22.23 -1.49
CA GLY A 91 8.51 -23.63 -1.68
C GLY A 91 8.31 -24.09 -3.11
N GLN A 92 7.83 -23.20 -3.98
CA GLN A 92 7.61 -23.52 -5.38
C GLN A 92 8.47 -22.64 -6.26
N ASP A 93 8.51 -21.36 -5.92
CA ASP A 93 9.32 -20.39 -6.66
C ASP A 93 10.60 -20.10 -5.88
N PRO A 94 11.75 -20.50 -6.42
CA PRO A 94 13.08 -20.31 -5.82
C PRO A 94 13.35 -18.91 -5.32
N SER A 95 13.05 -17.92 -6.16
CA SER A 95 13.28 -16.54 -5.81
C SER A 95 12.49 -16.09 -4.57
N PHE A 96 11.17 -16.25 -4.62
CA PHE A 96 10.34 -15.86 -3.49
C PHE A 96 10.65 -16.68 -2.24
N THR A 97 10.97 -17.96 -2.44
CA THR A 97 11.28 -18.83 -1.31
C THR A 97 12.50 -18.29 -0.55
N ALA A 98 13.52 -17.89 -1.29
CA ALA A 98 14.74 -17.36 -0.68
C ALA A 98 14.47 -16.07 0.09
N ILE A 99 13.53 -15.28 -0.43
CA ILE A 99 13.16 -14.02 0.23
C ILE A 99 12.49 -14.26 1.57
N LEU A 100 11.53 -15.18 1.60
CA LEU A 100 10.80 -15.48 2.82
C LEU A 100 11.61 -16.28 3.85
N ASP A 101 12.68 -16.92 3.41
CA ASP A 101 13.53 -17.68 4.32
C ASP A 101 14.43 -16.74 5.10
N SER A 102 14.58 -15.50 4.62
CA SER A 102 15.43 -14.53 5.28
C SER A 102 14.73 -13.24 5.73
N MET A 103 13.55 -12.96 5.19
CA MET A 103 12.83 -11.75 5.55
C MET A 103 11.34 -11.97 5.81
N ASP A 104 10.76 -11.09 6.62
CA ASP A 104 9.32 -11.15 6.92
C ASP A 104 8.61 -10.12 6.06
N ILE A 105 7.34 -10.37 5.76
CA ILE A 105 6.57 -9.43 4.96
C ILE A 105 5.30 -9.04 5.72
N PHE A 106 5.06 -7.73 5.81
CA PHE A 106 3.88 -7.24 6.49
C PHE A 106 2.96 -6.62 5.43
N LEU A 107 1.74 -7.13 5.35
CA LEU A 107 0.77 -6.70 4.36
C LEU A 107 -0.50 -6.12 4.99
N GLU A 108 -0.80 -4.86 4.67
CA GLU A 108 -2.01 -4.22 5.17
C GLU A 108 -2.94 -4.00 3.98
N ILE A 109 -3.88 -4.92 3.80
CA ILE A 109 -4.82 -4.88 2.68
C ILE A 109 -5.80 -3.72 2.71
N VAL A 110 -6.34 -3.39 3.89
CA VAL A 110 -7.29 -2.29 4.01
C VAL A 110 -6.81 -1.23 5.01
N THR A 111 -5.97 -0.33 4.54
CA THR A 111 -5.40 0.72 5.38
C THR A 111 -6.41 1.76 5.86
N ASN A 112 -7.47 1.95 5.09
CA ASN A 112 -8.52 2.94 5.43
C ASN A 112 -9.88 2.24 5.36
N PRO A 113 -10.20 1.43 6.38
CA PRO A 113 -11.46 0.69 6.45
C PRO A 113 -12.74 1.53 6.54
N ASP A 114 -12.69 2.67 7.23
CA ASP A 114 -13.88 3.51 7.34
C ASP A 114 -14.24 4.08 5.96
N GLY A 115 -13.23 4.46 5.20
CA GLY A 115 -13.48 5.00 3.88
C GLY A 115 -13.96 3.91 2.93
N PHE A 116 -13.38 2.72 3.06
CA PHE A 116 -13.75 1.59 2.21
C PHE A 116 -15.23 1.25 2.36
N ALA A 117 -15.71 1.19 3.61
CA ALA A 117 -17.11 0.87 3.87
C ALA A 117 -18.04 1.92 3.26
N PHE A 118 -17.61 3.18 3.34
CA PHE A 118 -18.39 4.29 2.79
C PHE A 118 -18.50 4.18 1.26
N THR A 119 -17.42 3.77 0.59
CA THR A 119 -17.46 3.64 -0.88
C THR A 119 -18.45 2.56 -1.31
N HIS A 120 -18.73 1.61 -0.42
CA HIS A 120 -19.65 0.52 -0.69
C HIS A 120 -21.08 0.93 -0.34
N SER A 121 -21.19 1.79 0.66
CA SER A 121 -22.49 2.22 1.17
C SER A 121 -23.08 3.54 0.65
N GLN A 122 -22.28 4.59 0.59
CA GLN A 122 -22.81 5.89 0.16
C GLN A 122 -22.20 6.56 -1.06
N ASN A 123 -20.87 6.57 -1.14
CA ASN A 123 -20.20 7.24 -2.25
C ASN A 123 -18.99 6.45 -2.76
N ARG A 124 -19.16 5.85 -3.94
CA ARG A 124 -18.11 5.03 -4.55
C ARG A 124 -16.78 5.75 -4.80
N LEU A 125 -16.81 7.08 -4.91
CA LEU A 125 -15.58 7.83 -5.16
C LEU A 125 -14.95 8.54 -3.96
N TRP A 126 -15.38 8.19 -2.75
CA TRP A 126 -14.81 8.81 -1.56
C TRP A 126 -13.35 8.33 -1.39
N ARG A 127 -12.45 9.24 -1.05
CA ARG A 127 -11.04 8.86 -0.90
C ARG A 127 -10.44 9.08 0.49
N LYS A 128 -11.00 10.01 1.26
CA LYS A 128 -10.47 10.33 2.58
C LYS A 128 -10.92 9.38 3.69
N THR A 129 -10.51 9.70 4.93
CA THR A 129 -10.92 8.92 6.09
C THR A 129 -12.29 9.47 6.46
N ARG A 130 -12.81 9.11 7.63
CA ARG A 130 -14.13 9.60 8.02
C ARG A 130 -14.15 10.32 9.38
N SER A 131 -13.04 10.96 9.74
CA SER A 131 -12.93 11.67 11.00
C SER A 131 -13.70 12.99 10.95
N VAL A 132 -14.26 13.39 12.09
CA VAL A 132 -15.03 14.64 12.18
C VAL A 132 -14.19 15.80 12.70
N THR A 133 -14.24 16.92 11.98
CA THR A 133 -13.49 18.12 12.35
C THR A 133 -14.28 18.99 13.32
N SER A 134 -13.58 19.55 14.30
CA SER A 134 -14.19 20.39 15.32
C SER A 134 -15.14 21.45 14.76
N SER A 135 -14.58 22.41 14.02
CA SER A 135 -15.38 23.49 13.44
C SER A 135 -15.55 23.42 11.93
N SER A 136 -16.35 22.47 11.46
CA SER A 136 -16.62 22.30 10.05
C SER A 136 -17.64 21.19 9.84
N LEU A 137 -18.37 21.27 8.74
CA LEU A 137 -19.38 20.26 8.42
C LEU A 137 -18.78 19.19 7.52
N CYS A 138 -17.57 19.44 7.04
CA CYS A 138 -16.91 18.47 6.17
C CYS A 138 -16.20 17.37 6.93
N VAL A 139 -16.23 16.17 6.36
CA VAL A 139 -15.63 14.99 6.98
C VAL A 139 -14.39 14.46 6.28
N GLY A 140 -13.45 13.93 7.07
CA GLY A 140 -12.27 13.30 6.51
C GLY A 140 -10.99 14.05 6.21
N VAL A 141 -9.92 13.27 6.12
CA VAL A 141 -8.57 13.75 5.84
C VAL A 141 -7.95 12.87 4.74
N ASP A 142 -7.08 13.45 3.94
CA ASP A 142 -6.38 12.69 2.91
C ASP A 142 -5.26 12.01 3.68
N ALA A 143 -5.43 10.72 3.96
CA ALA A 143 -4.43 9.99 4.74
C ALA A 143 -3.03 10.00 4.15
N ASN A 144 -2.89 10.27 2.85
CA ASN A 144 -1.55 10.29 2.26
C ASN A 144 -0.93 11.69 2.19
N ARG A 145 -1.43 12.58 3.04
CA ARG A 145 -0.94 13.94 3.15
C ARG A 145 -0.87 14.30 4.64
N ASN A 146 -1.14 13.31 5.48
CA ASN A 146 -1.15 13.46 6.92
C ASN A 146 0.14 13.00 7.61
N TRP A 147 1.13 12.54 6.84
CA TRP A 147 2.39 12.06 7.40
C TRP A 147 3.35 13.20 7.73
N ASP A 148 4.26 12.93 8.66
CA ASP A 148 5.23 13.93 9.12
C ASP A 148 6.45 14.07 8.20
N ALA A 149 6.18 14.53 6.99
CA ALA A 149 7.22 14.76 5.98
C ALA A 149 6.80 15.99 5.19
N GLY A 150 7.39 17.13 5.52
CA GLY A 150 7.01 18.36 4.85
C GLY A 150 5.53 18.64 5.09
N PHE A 151 5.04 18.20 6.23
CA PHE A 151 3.63 18.37 6.59
C PHE A 151 3.14 19.82 6.58
N GLY A 152 2.00 20.05 5.95
CA GLY A 152 1.43 21.38 5.91
C GLY A 152 2.00 22.27 4.82
N LYS A 153 3.02 21.80 4.12
CA LYS A 153 3.63 22.59 3.05
C LYS A 153 2.87 22.47 1.74
N ALA A 154 3.30 23.23 0.75
CA ALA A 154 2.67 23.22 -0.56
C ALA A 154 2.48 21.80 -1.06
N GLY A 155 1.31 21.53 -1.63
CA GLY A 155 1.04 20.19 -2.13
C GLY A 155 -0.07 19.50 -1.34
N ALA A 156 -0.74 20.27 -0.49
CA ALA A 156 -1.83 19.77 0.32
C ALA A 156 -2.71 20.96 0.67
N SER A 157 -3.95 20.71 1.08
CA SER A 157 -4.86 21.80 1.43
C SER A 157 -5.14 21.92 2.92
N SER A 158 -5.31 23.15 3.39
CA SER A 158 -5.59 23.40 4.80
C SER A 158 -7.09 23.53 5.03
N SER A 159 -7.87 23.33 3.97
CA SER A 159 -9.33 23.41 4.06
C SER A 159 -9.93 22.02 4.31
N PRO A 160 -10.67 21.87 5.42
CA PRO A 160 -11.31 20.60 5.80
C PRO A 160 -12.16 19.95 4.71
N CYS A 161 -12.81 20.78 3.90
CA CYS A 161 -13.66 20.32 2.82
C CYS A 161 -12.93 19.86 1.56
N SER A 162 -11.62 20.12 1.51
CA SER A 162 -10.82 19.75 0.35
C SER A 162 -10.58 18.24 0.25
N GLU A 163 -10.47 17.76 -0.99
CA GLU A 163 -10.20 16.35 -1.25
C GLU A 163 -8.76 16.02 -0.82
N THR A 164 -7.94 17.05 -0.70
CA THR A 164 -6.55 16.85 -0.30
C THR A 164 -6.23 17.48 1.05
N TYR A 165 -7.24 17.59 1.92
CA TYR A 165 -7.05 18.15 3.26
C TYR A 165 -6.00 17.34 4.03
N HIS A 166 -4.97 18.01 4.54
CA HIS A 166 -3.90 17.32 5.26
C HIS A 166 -4.17 17.01 6.74
N GLY A 167 -5.22 17.60 7.30
CA GLY A 167 -5.53 17.35 8.69
C GLY A 167 -5.05 18.43 9.65
N LYS A 168 -5.43 18.30 10.92
CA LYS A 168 -5.06 19.27 11.94
C LYS A 168 -3.57 19.30 12.24
N TYR A 169 -2.95 18.14 12.28
CA TYR A 169 -1.51 18.05 12.52
C TYR A 169 -0.99 16.69 12.07
N ALA A 170 0.31 16.62 11.84
CA ALA A 170 0.93 15.37 11.41
C ALA A 170 0.50 14.20 12.30
N ASN A 171 0.15 13.08 11.67
CA ASN A 171 -0.27 11.87 12.38
C ASN A 171 -1.55 12.02 13.18
N SER A 172 -2.38 13.01 12.84
CA SER A 172 -3.64 13.20 13.55
C SER A 172 -4.60 12.03 13.32
N GLU A 173 -4.55 11.43 12.13
CA GLU A 173 -5.42 10.31 11.79
C GLU A 173 -4.90 9.01 12.40
N VAL A 174 -5.76 8.37 13.19
CA VAL A 174 -5.38 7.12 13.85
C VAL A 174 -4.93 6.04 12.85
N GLU A 175 -5.47 6.05 11.64
CA GLU A 175 -5.09 5.05 10.64
C GLU A 175 -3.61 5.22 10.25
N VAL A 176 -3.11 6.44 10.36
CA VAL A 176 -1.72 6.74 10.01
C VAL A 176 -0.78 6.54 11.21
N LYS A 177 -1.17 7.07 12.36
CA LYS A 177 -0.37 6.93 13.57
C LYS A 177 -0.14 5.45 13.92
N SER A 178 -1.16 4.63 13.67
CA SER A 178 -1.04 3.20 13.96
C SER A 178 0.09 2.57 13.18
N ILE A 179 0.30 3.03 11.96
CA ILE A 179 1.38 2.50 11.14
C ILE A 179 2.72 3.07 11.62
N VAL A 180 2.72 4.37 11.89
CA VAL A 180 3.94 5.03 12.37
C VAL A 180 4.53 4.35 13.61
N ASP A 181 3.70 4.16 14.64
CA ASP A 181 4.16 3.53 15.87
C ASP A 181 4.65 2.11 15.64
N PHE A 182 3.91 1.35 14.84
CA PHE A 182 4.28 -0.02 14.56
C PHE A 182 5.64 -0.11 13.90
N VAL A 183 5.84 0.68 12.85
CA VAL A 183 7.11 0.67 12.13
C VAL A 183 8.28 1.16 12.98
N LYS A 184 8.05 2.21 13.78
CA LYS A 184 9.11 2.73 14.65
C LYS A 184 9.47 1.73 15.74
N ASP A 185 8.46 1.10 16.34
CA ASP A 185 8.71 0.11 17.39
C ASP A 185 9.47 -1.10 16.82
N HIS A 186 9.10 -1.54 15.62
CA HIS A 186 9.76 -2.68 14.98
C HIS A 186 11.22 -2.33 14.75
N GLY A 187 11.45 -1.20 14.08
CA GLY A 187 12.80 -0.73 13.81
C GLY A 187 13.69 -1.47 12.83
N ASN A 188 13.20 -2.53 12.21
CA ASN A 188 14.05 -3.26 11.26
C ASN A 188 13.41 -3.47 9.88
N PHE A 189 12.75 -2.43 9.38
CA PHE A 189 12.12 -2.47 8.06
C PHE A 189 13.14 -2.00 7.02
N LYS A 190 13.25 -2.73 5.92
CA LYS A 190 14.19 -2.36 4.86
C LYS A 190 13.53 -1.78 3.62
N ALA A 191 12.25 -2.12 3.42
CA ALA A 191 11.50 -1.62 2.27
C ALA A 191 10.10 -1.21 2.70
N PHE A 192 9.58 -0.17 2.06
CA PHE A 192 8.25 0.35 2.38
C PHE A 192 7.55 0.65 1.05
N LEU A 193 6.46 -0.06 0.77
CA LEU A 193 5.74 0.12 -0.49
C LEU A 193 4.26 0.47 -0.27
N SER A 194 3.79 1.51 -0.96
CA SER A 194 2.39 1.94 -0.87
C SER A 194 1.76 1.76 -2.24
N ILE A 195 0.63 1.05 -2.30
CA ILE A 195 -0.06 0.79 -3.56
C ILE A 195 -1.28 1.68 -3.76
N HIS A 196 -1.35 2.33 -4.92
CA HIS A 196 -2.45 3.23 -5.27
C HIS A 196 -2.89 2.99 -6.72
N SER A 197 -3.82 3.83 -7.20
CA SER A 197 -4.29 3.78 -8.58
C SER A 197 -4.93 5.15 -8.79
N TYR A 198 -4.99 5.65 -10.02
CA TYR A 198 -4.46 4.98 -11.22
C TYR A 198 -3.50 5.94 -11.91
N SER A 199 -2.93 5.49 -13.03
CA SER A 199 -2.01 6.24 -13.89
C SER A 199 -0.78 5.44 -14.35
N GLN A 200 -0.61 4.23 -13.80
CA GLN A 200 0.51 3.36 -14.16
C GLN A 200 1.87 4.05 -14.02
N LEU A 201 2.25 4.27 -12.76
CA LEU A 201 3.52 4.92 -12.43
C LEU A 201 4.21 4.23 -11.26
N LEU A 202 5.53 4.33 -11.20
CA LEU A 202 6.32 3.78 -10.11
C LEU A 202 7.15 4.97 -9.62
N LEU A 203 6.91 5.40 -8.39
CA LEU A 203 7.57 6.58 -7.85
C LEU A 203 8.42 6.38 -6.60
N TYR A 204 9.45 7.21 -6.47
CA TYR A 204 10.32 7.21 -5.30
C TYR A 204 10.39 8.66 -4.79
N PRO A 205 10.88 8.87 -3.55
CA PRO A 205 10.98 10.21 -2.95
C PRO A 205 11.77 11.21 -3.80
N TYR A 206 11.51 12.51 -3.65
CA TYR A 206 10.53 13.08 -2.71
C TYR A 206 9.36 13.71 -3.47
N GLY A 207 8.34 14.10 -2.72
CA GLY A 207 7.19 14.74 -3.30
C GLY A 207 7.01 16.15 -2.74
N TYR A 208 7.51 16.39 -1.53
CA TYR A 208 7.35 17.71 -0.89
C TYR A 208 8.50 18.70 -1.10
N THR A 209 9.64 18.22 -1.58
CA THR A 209 10.81 19.07 -1.81
C THR A 209 11.47 18.74 -3.15
N THR A 210 12.05 19.74 -3.79
CA THR A 210 12.73 19.53 -5.08
C THR A 210 14.08 18.86 -4.86
N GLN A 211 14.52 18.80 -3.61
CA GLN A 211 15.80 18.17 -3.29
C GLN A 211 15.85 16.72 -3.74
N SER A 212 16.98 16.31 -4.31
CA SER A 212 17.18 14.93 -4.77
C SER A 212 17.67 14.07 -3.62
N ILE A 213 17.21 12.82 -3.57
CA ILE A 213 17.63 11.93 -2.51
C ILE A 213 19.05 11.41 -2.79
N PRO A 214 19.84 11.14 -1.74
CA PRO A 214 21.20 10.64 -1.88
C PRO A 214 21.28 9.32 -2.65
N ASP A 215 20.22 8.53 -2.58
CA ASP A 215 20.20 7.23 -3.26
C ASP A 215 19.49 7.25 -4.62
N LYS A 216 19.33 8.43 -5.20
CA LYS A 216 18.63 8.52 -6.48
C LYS A 216 19.10 7.53 -7.55
N THR A 217 20.40 7.48 -7.80
CA THR A 217 20.93 6.57 -8.82
C THR A 217 20.45 5.12 -8.65
N GLU A 218 20.60 4.59 -7.44
CA GLU A 218 20.21 3.21 -7.18
C GLU A 218 18.70 2.94 -7.30
N LEU A 219 17.88 3.78 -6.66
CA LEU A 219 16.44 3.58 -6.72
C LEU A 219 15.91 3.76 -8.14
N ASN A 220 16.54 4.64 -8.90
CA ASN A 220 16.11 4.87 -10.27
C ASN A 220 16.33 3.59 -11.10
N GLN A 221 17.46 2.91 -10.89
CA GLN A 221 17.72 1.68 -11.64
C GLN A 221 16.84 0.54 -11.15
N VAL A 222 16.54 0.54 -9.85
CA VAL A 222 15.67 -0.48 -9.30
C VAL A 222 14.28 -0.31 -9.91
N ALA A 223 13.84 0.94 -9.99
CA ALA A 223 12.52 1.27 -10.53
C ALA A 223 12.44 0.89 -12.01
N LYS A 224 13.52 1.15 -12.75
CA LYS A 224 13.56 0.83 -14.17
C LYS A 224 13.42 -0.69 -14.37
N SER A 225 14.13 -1.47 -13.56
CA SER A 225 14.07 -2.93 -13.66
C SER A 225 12.69 -3.45 -13.30
N ALA A 226 12.08 -2.85 -12.29
CA ALA A 226 10.76 -3.28 -11.85
C ALA A 226 9.71 -3.08 -12.95
N VAL A 227 9.73 -1.94 -13.62
CA VAL A 227 8.74 -1.68 -14.67
C VAL A 227 8.99 -2.57 -15.90
N GLU A 228 10.25 -2.91 -16.15
CA GLU A 228 10.53 -3.78 -17.29
C GLU A 228 9.95 -5.16 -17.00
N ALA A 229 10.12 -5.61 -15.75
CA ALA A 229 9.59 -6.91 -15.34
C ALA A 229 8.06 -6.92 -15.38
N LEU A 230 7.45 -5.84 -14.93
CA LEU A 230 6.00 -5.72 -14.92
C LEU A 230 5.41 -5.72 -16.33
N LYS A 231 6.08 -5.04 -17.26
CA LYS A 231 5.61 -4.96 -18.65
C LYS A 231 5.72 -6.25 -19.43
N SER A 232 6.63 -7.13 -19.03
CA SER A 232 6.86 -8.38 -19.74
C SER A 232 5.67 -9.33 -19.85
N LEU A 233 4.71 -9.20 -18.94
CA LEU A 233 3.56 -10.10 -18.94
C LEU A 233 2.48 -9.75 -19.96
N TYR A 234 1.94 -8.53 -19.89
CA TYR A 234 0.88 -8.11 -20.79
C TYR A 234 1.21 -6.86 -21.60
N GLY A 235 2.42 -6.33 -21.42
CA GLY A 235 2.82 -5.15 -22.15
C GLY A 235 2.33 -3.84 -21.59
N THR A 236 1.92 -3.83 -20.32
CA THR A 236 1.43 -2.61 -19.69
C THR A 236 2.61 -1.65 -19.48
N SER A 237 2.46 -0.42 -19.97
CA SER A 237 3.52 0.58 -19.88
C SER A 237 3.48 1.51 -18.66
N TYR A 238 4.58 1.49 -17.90
CA TYR A 238 4.71 2.32 -16.70
C TYR A 238 5.80 3.37 -16.87
N LYS A 239 5.62 4.50 -16.20
CA LYS A 239 6.62 5.56 -16.21
C LYS A 239 7.17 5.57 -14.79
N TYR A 240 8.37 6.11 -14.60
CA TYR A 240 8.95 6.16 -13.27
C TYR A 240 9.80 7.39 -13.03
N GLY A 241 9.97 7.72 -11.75
CA GLY A 241 10.75 8.87 -11.36
C GLY A 241 10.31 9.34 -9.99
N SER A 242 10.88 10.44 -9.51
CA SER A 242 10.50 10.97 -8.21
C SER A 242 9.07 11.53 -8.30
N ILE A 243 8.40 11.63 -7.17
CA ILE A 243 7.03 12.14 -7.15
C ILE A 243 6.89 13.55 -7.71
N ILE A 244 7.70 14.48 -7.20
CA ILE A 244 7.61 15.86 -7.64
C ILE A 244 7.92 16.11 -9.11
N THR A 245 8.84 15.34 -9.70
CA THR A 245 9.17 15.54 -11.11
C THR A 245 8.27 14.76 -12.08
N THR A 246 7.59 13.74 -11.58
CA THR A 246 6.72 12.92 -12.43
C THR A 246 5.25 13.31 -12.37
N ILE A 247 4.79 13.78 -11.22
CA ILE A 247 3.41 14.20 -11.06
C ILE A 247 3.40 15.69 -10.75
N TYR A 248 3.64 16.02 -9.49
CA TYR A 248 3.71 17.41 -9.02
C TYR A 248 4.04 17.41 -7.54
N GLN A 249 4.21 18.58 -6.95
CA GLN A 249 4.54 18.66 -5.54
C GLN A 249 3.37 18.17 -4.66
N ALA A 250 3.69 17.33 -3.69
CA ALA A 250 2.70 16.78 -2.76
C ALA A 250 3.37 16.56 -1.40
N SER A 251 2.79 17.13 -0.36
CA SER A 251 3.34 17.02 0.98
C SER A 251 2.65 16.02 1.88
N GLY A 252 3.35 15.61 2.94
CA GLY A 252 2.80 14.66 3.90
C GLY A 252 2.66 13.24 3.41
N GLY A 253 3.42 12.86 2.39
CA GLY A 253 3.34 11.52 1.83
C GLY A 253 4.03 10.44 2.64
N SER A 254 3.52 9.21 2.53
CA SER A 254 4.06 8.07 3.28
C SER A 254 5.49 7.65 2.94
N ILE A 255 5.83 7.58 1.66
CA ILE A 255 7.19 7.17 1.33
C ILE A 255 8.22 8.26 1.61
N ASP A 256 7.78 9.51 1.68
CA ASP A 256 8.70 10.60 2.01
C ASP A 256 9.04 10.43 3.49
N TRP A 257 8.03 10.05 4.28
CA TRP A 257 8.25 9.82 5.69
C TRP A 257 9.12 8.58 5.92
N SER A 258 8.78 7.47 5.28
CA SER A 258 9.52 6.23 5.45
C SER A 258 11.00 6.36 5.05
N TYR A 259 11.26 7.10 3.98
CA TYR A 259 12.63 7.29 3.53
C TYR A 259 13.41 8.10 4.56
N ASN A 260 12.77 9.13 5.14
CA ASN A 260 13.44 9.94 6.15
C ASN A 260 13.65 9.18 7.45
N GLN A 261 13.02 8.01 7.57
CA GLN A 261 13.19 7.19 8.76
C GLN A 261 14.35 6.22 8.52
N GLY A 262 14.95 6.27 7.33
CA GLY A 262 16.05 5.40 7.02
C GLY A 262 15.69 4.18 6.17
N ILE A 263 14.41 4.06 5.81
CA ILE A 263 13.96 2.93 4.98
C ILE A 263 14.24 3.29 3.53
N LYS A 264 15.43 2.90 3.08
CA LYS A 264 15.93 3.18 1.74
C LYS A 264 15.05 2.84 0.56
N TYR A 265 14.50 1.63 0.54
CA TYR A 265 13.66 1.18 -0.56
C TYR A 265 12.18 1.53 -0.40
N SER A 266 11.89 2.81 -0.59
CA SER A 266 10.54 3.34 -0.47
C SER A 266 9.96 3.68 -1.84
N PHE A 267 8.91 2.97 -2.23
CA PHE A 267 8.28 3.18 -3.53
C PHE A 267 6.76 3.24 -3.44
N THR A 268 6.17 4.00 -4.36
CA THR A 268 4.72 4.11 -4.44
C THR A 268 4.30 3.67 -5.84
N PHE A 269 3.36 2.72 -5.90
CA PHE A 269 2.83 2.23 -7.16
C PHE A 269 1.48 2.87 -7.45
N GLU A 270 1.23 3.19 -8.70
CA GLU A 270 -0.04 3.73 -9.17
C GLU A 270 -0.41 2.73 -10.28
N LEU A 271 -1.34 1.83 -9.98
CA LEU A 271 -1.75 0.77 -10.91
C LEU A 271 -2.65 1.22 -12.06
N ARG A 272 -3.21 0.24 -12.76
CA ARG A 272 -4.10 0.45 -13.90
C ARG A 272 -5.35 1.26 -13.55
N ASP A 273 -5.91 1.97 -14.54
CA ASP A 273 -5.33 1.96 -15.88
C ASP A 273 -4.49 3.20 -16.08
N THR A 274 -5.11 4.21 -17.88
CA THR A 274 -4.53 5.54 -17.84
C THR A 274 -5.66 6.55 -17.93
N GLY A 275 -6.87 6.10 -17.59
CA GLY A 275 -8.01 7.00 -17.64
C GLY A 275 -9.28 6.44 -18.24
N ARG A 276 -9.17 5.42 -19.09
CA ARG A 276 -10.35 4.84 -19.70
C ARG A 276 -11.43 4.49 -18.68
N TYR A 277 -11.04 3.80 -17.61
CA TYR A 277 -12.00 3.45 -16.57
C TYR A 277 -11.66 4.15 -15.25
N GLY A 278 -10.40 4.53 -15.10
CA GLY A 278 -9.97 5.21 -13.89
C GLY A 278 -10.15 4.37 -12.65
N PHE A 279 -10.79 4.94 -11.64
CA PHE A 279 -11.03 4.25 -10.38
C PHE A 279 -12.04 3.11 -10.49
N LEU A 280 -12.81 3.09 -11.56
CA LEU A 280 -13.83 2.06 -11.77
C LEU A 280 -13.36 0.97 -12.73
N LEU A 281 -12.15 0.46 -12.51
CA LEU A 281 -11.60 -0.58 -13.36
C LEU A 281 -12.48 -1.85 -13.32
N PRO A 282 -12.78 -2.41 -14.50
CA PRO A 282 -13.60 -3.62 -14.61
C PRO A 282 -13.03 -4.79 -13.82
N ALA A 283 -13.92 -5.59 -13.23
CA ALA A 283 -13.51 -6.75 -12.43
C ALA A 283 -12.63 -7.72 -13.21
N SER A 284 -12.84 -7.80 -14.52
CA SER A 284 -12.07 -8.70 -15.37
C SER A 284 -10.60 -8.31 -15.53
N GLN A 285 -10.20 -7.16 -14.99
CA GLN A 285 -8.80 -6.75 -15.08
C GLN A 285 -8.08 -6.95 -13.75
N ILE A 286 -8.82 -7.39 -12.74
CA ILE A 286 -8.24 -7.61 -11.41
C ILE A 286 -7.05 -8.56 -11.43
N ILE A 287 -7.25 -9.77 -11.91
CA ILE A 287 -6.18 -10.76 -11.93
C ILE A 287 -4.98 -10.38 -12.80
N PRO A 288 -5.22 -9.87 -14.03
CA PRO A 288 -4.10 -9.49 -14.88
C PRO A 288 -3.25 -8.40 -14.22
N THR A 289 -3.93 -7.45 -13.57
CA THR A 289 -3.25 -6.36 -12.88
C THR A 289 -2.41 -6.90 -11.74
N ALA A 290 -3.02 -7.77 -10.93
CA ALA A 290 -2.32 -8.36 -9.80
C ALA A 290 -1.11 -9.15 -10.27
N GLN A 291 -1.28 -9.96 -11.31
CA GLN A 291 -0.19 -10.78 -11.81
C GLN A 291 1.02 -9.95 -12.27
N GLU A 292 0.80 -8.90 -13.05
CA GLU A 292 1.92 -8.08 -13.50
C GLU A 292 2.53 -7.26 -12.37
N THR A 293 1.69 -6.72 -11.48
CA THR A 293 2.18 -5.93 -10.36
C THR A 293 3.10 -6.77 -9.48
N TRP A 294 2.75 -8.04 -9.32
CA TRP A 294 3.53 -8.98 -8.53
C TRP A 294 4.97 -9.04 -9.03
N LEU A 295 5.15 -9.14 -10.34
CA LEU A 295 6.49 -9.23 -10.92
C LEU A 295 7.33 -8.00 -10.58
N GLY A 296 6.70 -6.83 -10.62
CA GLY A 296 7.40 -5.60 -10.30
C GLY A 296 7.77 -5.54 -8.83
N VAL A 297 6.85 -5.98 -7.98
CA VAL A 297 7.10 -5.96 -6.53
C VAL A 297 8.18 -6.96 -6.16
N LEU A 298 8.11 -8.15 -6.75
CA LEU A 298 9.10 -9.19 -6.49
C LEU A 298 10.50 -8.69 -6.86
N THR A 299 10.59 -7.95 -7.96
CA THR A 299 11.87 -7.40 -8.41
C THR A 299 12.51 -6.51 -7.36
N ILE A 300 11.69 -5.68 -6.71
CA ILE A 300 12.20 -4.79 -5.68
C ILE A 300 12.56 -5.60 -4.42
N MET A 301 11.82 -6.67 -4.15
CA MET A 301 12.09 -7.50 -2.98
C MET A 301 13.45 -8.20 -3.15
N GLU A 302 13.70 -8.71 -4.35
CA GLU A 302 14.96 -9.38 -4.64
C GLU A 302 16.13 -8.45 -4.38
N HIS A 303 16.02 -7.21 -4.88
CA HIS A 303 17.08 -6.23 -4.70
C HIS A 303 17.31 -5.94 -3.22
N THR A 304 16.22 -5.84 -2.48
CA THR A 304 16.28 -5.55 -1.04
C THR A 304 17.02 -6.64 -0.27
N LEU A 305 16.86 -7.87 -0.72
CA LEU A 305 17.47 -9.02 -0.07
C LEU A 305 18.99 -9.08 -0.21
N ASN A 306 19.50 -8.66 -1.36
CA ASN A 306 20.94 -8.69 -1.62
C ASN A 306 21.69 -7.39 -1.31
N ASN A 307 20.99 -6.38 -0.81
CA ASN A 307 21.64 -5.11 -0.48
C ASN A 307 21.06 -4.49 0.77
N INF B . -2.90 10.52 -6.43
CA INF B . -2.57 11.93 -6.69
C INF B . -2.90 12.75 -5.41
O INF B . -2.97 13.94 -5.40
CB INF B . -1.06 12.09 -7.08
CG INF B . -0.03 11.50 -6.12
CD1 INF B . 0.58 12.34 -5.14
CD2 INF B . 0.34 10.13 -6.19
CE1 INF B . 1.55 11.80 -4.24
CE2 INF B . 1.30 9.61 -5.29
CZ INF B . 1.90 10.44 -4.31
OXT INF B . -3.08 11.99 -4.32
C1 INF B . -3.85 9.83 -7.09
N2 INF B . -3.95 8.55 -6.68
O1 INF B . -4.55 10.29 -7.98
O2 INF B . -3.11 8.07 -5.66
ZN ZN C . -4.15 7.01 -4.08
#